data_2VWM
#
_entry.id   2VWM
#
_cell.length_a   48.930
_cell.length_b   77.110
_cell.length_c   74.870
_cell.angle_alpha   90.00
_cell.angle_beta   92.07
_cell.angle_gamma   90.00
#
_symmetry.space_group_name_H-M   'P 1 21 1'
#
loop_
_entity.id
_entity.type
_entity.pdbx_description
1 polymer 'ACTIVATED FACTOR XA HEAVY CHAIN'
2 polymer 'FACTOR X LIGHT CHAIN'
3 non-polymer (4R)-4-{[(5-chlorothiophen-2-yl)carbonyl]amino}-N-(cyclopropylmethyl)-1-(2-{[2-fluoro-4-(2-oxopyridin-1(2H)-yl)phenyl]amino}-2-oxoethyl)-L-prolinamide
4 non-polymer 'SODIUM ION'
5 water water
#
loop_
_entity_poly.entity_id
_entity_poly.type
_entity_poly.pdbx_seq_one_letter_code
_entity_poly.pdbx_strand_id
1 'polypeptide(L)'
;IVGGQECKDGECPWQALLINEENEGFCGGTILSEFYILTAAHCLYQAKRFKVRVGDRNTEQEEGGEAVHEVEVVIKHNRF
TKETYDFDIAVLRLKTPITFRMNVAPACLPERDWAESTLMTQKTGIVSGFGRTHEKGEQSTRLKMLEVPYVDRNSCKLSS
SFIITQNMFCAGYDTKQEDACQGDSGGPHVTRFKDTYFVTGIVSWGEGCARKGKYGIYTKVTAFLKWIDRSMKTRGLPKA
K
;
A,B
2 'polypeptide(L)' RKLCSLDNGDCDQFCHEEQNSVVCSCARGYTLADNGKACIPTGPYPCGKQTLERR K,L
#
loop_
_chem_comp.id
_chem_comp.type
_chem_comp.name
_chem_comp.formula
LZI non-polymer (4R)-4-{[(5-chlorothiophen-2-yl)carbonyl]amino}-N-(cyclopropylmethyl)-1-(2-{[2-fluoro-4-(2-oxopyridin-1(2H)-yl)phenyl]amino}-2-oxoethyl)-L-prolinamide 'C27 H27 Cl F N5 O4 S'
NA non-polymer 'SODIUM ION' 'Na 1'
#
# COMPACT_ATOMS: atom_id res chain seq x y z
N ILE A 1 12.97 6.78 1.61
CA ILE A 1 13.94 7.51 2.46
C ILE A 1 13.50 8.95 2.64
N VAL A 2 13.35 9.34 3.89
CA VAL A 2 12.94 10.67 4.23
C VAL A 2 14.18 11.42 4.69
N GLY A 3 14.47 12.54 4.05
CA GLY A 3 15.75 13.23 4.29
C GLY A 3 16.85 12.50 3.53
N GLY A 4 18.08 12.59 4.03
CA GLY A 4 19.23 12.04 3.34
C GLY A 4 19.36 12.62 1.94
N GLN A 5 19.92 11.85 1.02
CA GLN A 5 20.33 12.40 -0.26
C GLN A 5 20.30 11.28 -1.30
N GLU A 6 20.42 11.62 -2.58
CA GLU A 6 20.48 10.61 -3.60
C GLU A 6 21.84 9.92 -3.52
N CYS A 7 21.88 8.59 -3.66
CA CYS A 7 23.18 7.92 -3.78
C CYS A 7 23.82 8.38 -5.03
N LYS A 8 25.11 8.68 -4.95
CA LYS A 8 25.91 9.01 -6.11
C LYS A 8 26.34 7.70 -6.78
N ASP A 9 26.76 7.82 -8.04
CA ASP A 9 27.15 6.66 -8.80
C ASP A 9 28.09 5.82 -7.96
N GLY A 10 27.81 4.53 -7.89
CA GLY A 10 28.77 3.59 -7.28
C GLY A 10 28.68 3.51 -5.76
N GLU A 11 27.84 4.33 -5.15
CA GLU A 11 27.84 4.42 -3.70
C GLU A 11 26.90 3.50 -2.98
N CYS A 12 25.90 2.97 -3.68
CA CYS A 12 24.95 2.09 -3.03
C CYS A 12 24.71 0.86 -3.87
N PRO A 13 25.80 0.11 -4.23
CA PRO A 13 25.71 -0.92 -5.27
C PRO A 13 25.04 -2.23 -4.82
N TRP A 14 24.88 -2.41 -3.51
CA TRP A 14 24.26 -3.64 -2.96
C TRP A 14 22.74 -3.51 -2.82
N GLN A 15 22.22 -2.32 -3.12
CA GLN A 15 20.79 -2.05 -3.15
C GLN A 15 20.08 -2.87 -4.22
N ALA A 16 19.03 -3.60 -3.82
CA ALA A 16 18.16 -4.27 -4.78
C ALA A 16 16.75 -3.74 -4.58
N LEU A 17 15.89 -3.84 -5.60
CA LEU A 17 14.50 -3.38 -5.48
C LEU A 17 13.56 -4.51 -5.85
N LEU A 18 12.56 -4.74 -4.99
CA LEU A 18 11.52 -5.74 -5.28
C LEU A 18 10.38 -5.05 -6.03
N ILE A 19 10.09 -5.56 -7.22
CA ILE A 19 9.14 -4.92 -8.12
C ILE A 19 7.95 -5.87 -8.29
N ASN A 20 6.74 -5.37 -8.09
CA ASN A 20 5.56 -6.22 -8.25
C ASN A 20 5.29 -6.56 -9.73
N GLU A 21 4.05 -6.93 -10.03
CA GLU A 21 3.69 -7.23 -11.41
C GLU A 21 3.47 -5.94 -12.21
N GLU A 22 2.73 -5.00 -11.61
CA GLU A 22 2.58 -3.66 -12.16
C GLU A 22 3.89 -2.90 -12.12
N ASN A 23 4.97 -3.68 -12.16
CA ASN A 23 6.37 -3.20 -12.25
C ASN A 23 6.86 -2.14 -11.28
N GLU A 24 6.10 -1.90 -10.21
CA GLU A 24 6.46 -0.89 -9.20
C GLU A 24 7.21 -1.53 -8.01
N GLY A 25 8.37 -0.97 -7.65
CA GLY A 25 9.08 -1.41 -6.45
C GLY A 25 8.23 -1.18 -5.22
N PHE A 26 8.25 -2.13 -4.31
CA PHE A 26 7.42 -2.04 -3.10
C PHE A 26 8.25 -2.34 -1.86
N CYS A 27 9.46 -2.84 -2.07
CA CYS A 27 10.35 -3.18 -0.97
C CYS A 27 11.77 -3.19 -1.53
N GLY A 28 12.76 -3.10 -0.66
CA GLY A 28 14.16 -3.12 -1.11
C GLY A 28 14.75 -4.47 -0.80
N GLY A 29 16.00 -4.67 -1.17
CA GLY A 29 16.70 -5.87 -0.76
C GLY A 29 18.18 -5.55 -0.73
N THR A 30 18.98 -6.49 -0.27
CA THR A 30 20.40 -6.30 -0.27
C THR A 30 21.06 -7.43 -1.06
N ILE A 31 21.91 -7.09 -2.00
CA ILE A 31 22.65 -8.13 -2.72
C ILE A 31 23.68 -8.77 -1.80
N LEU A 32 23.59 -10.09 -1.60
CA LEU A 32 24.61 -10.77 -0.78
C LEU A 32 25.64 -11.53 -1.61
N SER A 33 25.24 -11.91 -2.83
CA SER A 33 26.12 -12.64 -3.74
C SER A 33 25.42 -12.67 -5.10
N GLU A 34 25.92 -13.48 -6.03
CA GLU A 34 25.31 -13.51 -7.37
C GLU A 34 23.92 -14.12 -7.36
N PHE A 35 23.68 -15.04 -6.44
CA PHE A 35 22.37 -15.69 -6.44
C PHE A 35 21.42 -15.24 -5.35
N TYR A 36 21.89 -14.47 -4.38
CA TYR A 36 21.04 -14.24 -3.21
C TYR A 36 20.85 -12.80 -2.82
N ILE A 37 19.60 -12.49 -2.49
CA ILE A 37 19.19 -11.20 -2.02
C ILE A 37 18.66 -11.33 -0.59
N LEU A 38 19.05 -10.40 0.26
CA LEU A 38 18.52 -10.36 1.61
C LEU A 38 17.37 -9.40 1.64
N THR A 39 16.27 -9.79 2.29
CA THR A 39 15.15 -8.86 2.37
C THR A 39 14.33 -9.11 3.62
N ALA A 40 13.22 -8.40 3.77
CA ALA A 40 12.38 -8.59 4.95
C ALA A 40 11.26 -9.61 4.68
N ALA A 41 11.04 -10.52 5.62
CA ALA A 41 10.00 -11.53 5.42
C ALA A 41 8.63 -10.93 5.17
N HIS A 42 8.37 -9.73 5.72
CA HIS A 42 7.03 -9.15 5.66
C HIS A 42 6.69 -8.56 4.29
N CYS A 43 7.74 -8.39 3.48
CA CYS A 43 7.59 -7.89 2.12
C CYS A 43 6.91 -8.94 1.25
N LEU A 44 7.05 -10.20 1.63
CA LEU A 44 6.55 -11.29 0.84
C LEU A 44 5.03 -11.25 0.75
N TYR A 45 4.40 -10.62 1.74
CA TYR A 45 2.93 -10.60 1.82
C TYR A 45 2.33 -9.36 1.17
N GLN A 46 3.14 -8.68 0.36
CA GLN A 46 2.69 -7.51 -0.36
C GLN A 46 2.82 -7.76 -1.85
N ALA A 47 2.89 -9.04 -2.23
CA ALA A 47 3.01 -9.47 -3.61
C ALA A 47 3.13 -10.98 -3.65
N LYS A 48 2.33 -11.63 -4.49
CA LYS A 48 2.46 -13.07 -4.66
C LYS A 48 3.47 -13.35 -5.76
N ARG A 49 3.55 -12.40 -6.67
CA ARG A 49 4.43 -12.47 -7.81
C ARG A 49 5.25 -11.18 -7.85
N PHE A 50 6.57 -11.31 -7.75
CA PHE A 50 7.46 -10.14 -7.83
C PHE A 50 8.83 -10.53 -8.37
N LYS A 51 9.58 -9.53 -8.83
CA LYS A 51 10.94 -9.75 -9.32
C LYS A 51 11.96 -8.83 -8.62
N VAL A 52 13.24 -9.04 -8.90
CA VAL A 52 14.27 -8.19 -8.30
C VAL A 52 15.05 -7.39 -9.33
N ARG A 53 15.04 -6.08 -9.18
CA ARG A 53 15.88 -5.21 -10.01
C ARG A 53 17.16 -4.78 -9.27
N VAL A 54 18.27 -4.76 -10.02
CA VAL A 54 19.56 -4.26 -9.54
C VAL A 54 20.08 -3.19 -10.51
N GLY A 55 21.03 -2.37 -10.05
CA GLY A 55 21.72 -1.43 -10.92
C GLY A 55 20.99 -0.12 -11.14
N ASP A 56 19.81 -0.01 -10.55
CA ASP A 56 18.96 1.16 -10.67
C ASP A 56 19.27 2.29 -9.67
N ARG A 57 19.02 3.53 -10.07
CA ARG A 57 19.18 4.68 -9.17
C ARG A 57 18.10 5.68 -9.45
N ASN A 58 17.53 5.59 -10.66
CA ASN A 58 16.47 6.48 -11.09
C ASN A 58 15.45 5.64 -11.86
N THR A 59 14.30 5.43 -11.23
CA THR A 59 13.24 4.66 -11.84
C THR A 59 12.51 5.45 -12.94
N GLU A 60 12.81 6.76 -13.04
CA GLU A 60 12.26 7.61 -14.11
C GLU A 60 13.08 7.67 -15.41
N GLN A 61 14.37 7.36 -15.33
CA GLN A 61 15.09 7.12 -16.57
C GLN A 61 15.51 5.67 -16.69
N GLU A 62 15.33 5.12 -17.89
CA GLU A 62 15.71 3.74 -18.18
C GLU A 62 16.82 3.70 -19.21
N GLY A 64 23.95 1.55 -19.86
CA GLY A 64 22.71 1.33 -19.13
C GLY A 64 22.96 0.66 -17.79
N GLY A 65 22.59 -0.61 -17.71
CA GLY A 65 23.02 -1.42 -16.57
C GLY A 65 21.95 -1.88 -15.60
N GLU A 66 20.74 -1.32 -15.72
CA GLU A 66 19.60 -1.76 -14.91
C GLU A 66 19.12 -3.14 -15.36
N ALA A 67 18.82 -4.04 -14.42
CA ALA A 67 18.56 -5.44 -14.77
C ALA A 67 17.60 -6.14 -13.83
N VAL A 68 16.65 -6.88 -14.42
CA VAL A 68 15.67 -7.60 -13.63
C VAL A 68 15.97 -9.10 -13.54
N HIS A 69 15.72 -9.65 -12.36
CA HIS A 69 15.98 -11.03 -12.08
C HIS A 69 14.74 -11.66 -11.47
N GLU A 70 14.31 -12.79 -12.03
CA GLU A 70 13.26 -13.58 -11.42
C GLU A 70 13.77 -14.31 -10.20
N VAL A 71 12.88 -14.50 -9.24
CA VAL A 71 13.21 -15.24 -8.03
C VAL A 71 12.85 -16.71 -8.20
N GLU A 72 13.85 -17.57 -7.97
CA GLU A 72 13.66 -19.01 -8.07
C GLU A 72 13.05 -19.63 -6.80
N VAL A 73 13.61 -19.23 -5.66
CA VAL A 73 13.29 -19.83 -4.38
C VAL A 73 13.22 -18.71 -3.37
N VAL A 74 12.21 -18.74 -2.50
CA VAL A 74 12.05 -17.74 -1.43
C VAL A 74 12.19 -18.44 -0.09
N ILE A 75 13.18 -18.03 0.71
CA ILE A 75 13.41 -18.64 2.00
C ILE A 75 13.04 -17.68 3.14
N LYS A 76 11.81 -17.82 3.61
CA LYS A 76 11.25 -16.93 4.64
C LYS A 76 11.63 -17.48 6.00
N HIS A 77 11.94 -16.61 6.96
CA HIS A 77 12.21 -17.15 8.29
C HIS A 77 10.97 -17.88 8.86
N ASN A 78 11.12 -19.15 9.25
CA ASN A 78 9.94 -19.90 9.70
C ASN A 78 9.29 -19.30 10.93
N ARG A 79 10.03 -18.43 11.64
CA ARG A 79 9.46 -17.83 12.83
C ARG A 79 8.90 -16.44 12.64
N PHE A 80 8.86 -15.95 11.40
CA PHE A 80 8.26 -14.64 11.13
C PHE A 80 6.77 -14.66 11.34
N THR A 81 6.22 -13.55 11.82
CA THR A 81 4.77 -13.36 11.88
C THR A 81 4.40 -11.90 11.96
N LYS A 82 3.32 -11.52 11.27
CA LYS A 82 2.85 -10.15 11.21
C LYS A 82 2.36 -9.65 12.57
N GLU A 83 1.87 -10.59 13.37
CA GLU A 83 1.44 -10.30 14.74
C GLU A 83 2.54 -9.59 15.50
N THR A 84 3.77 -10.04 15.32
CA THR A 84 4.91 -9.52 16.08
C THR A 84 5.97 -8.75 15.28
N TYR A 85 6.05 -9.04 13.98
CA TYR A 85 7.14 -8.58 13.11
C TYR A 85 8.47 -9.10 13.59
N ASP A 86 8.44 -10.06 14.51
CA ASP A 86 9.67 -10.69 14.94
C ASP A 86 10.25 -11.53 13.79
N PHE A 87 11.55 -11.77 13.79
CA PHE A 87 12.20 -12.64 12.83
C PHE A 87 11.98 -12.19 11.38
N ASP A 88 12.04 -10.88 11.16
CA ASP A 88 11.60 -10.28 9.90
C ASP A 88 12.70 -10.36 8.85
N ILE A 89 12.86 -11.55 8.30
CA ILE A 89 13.98 -11.79 7.44
C ILE A 89 13.70 -12.93 6.46
N ALA A 90 14.30 -12.83 5.29
CA ALA A 90 14.15 -13.81 4.21
C ALA A 90 15.30 -13.64 3.25
N VAL A 91 15.65 -14.73 2.60
CA VAL A 91 16.63 -14.76 1.55
C VAL A 91 15.97 -15.24 0.25
N LEU A 92 16.29 -14.58 -0.86
CA LEU A 92 15.80 -14.99 -2.18
C LEU A 92 16.95 -15.57 -2.99
N ARG A 93 16.71 -16.72 -3.62
CA ARG A 93 17.63 -17.19 -4.66
C ARG A 93 17.09 -16.74 -6.01
N LEU A 94 17.97 -16.17 -6.82
CA LEU A 94 17.61 -15.72 -8.14
C LEU A 94 17.71 -16.90 -9.12
N LYS A 95 16.92 -16.87 -10.19
CA LYS A 95 16.98 -17.92 -11.20
C LYS A 95 18.22 -17.78 -12.09
N THR A 96 18.61 -16.53 -12.36
CA THR A 96 19.84 -16.23 -13.11
C THR A 96 20.81 -15.39 -12.28
N PRO A 97 22.11 -15.68 -12.36
CA PRO A 97 23.00 -14.93 -11.47
C PRO A 97 23.18 -13.45 -11.86
N ILE A 98 23.30 -12.60 -10.86
CA ILE A 98 23.73 -11.22 -11.06
C ILE A 98 25.17 -11.22 -11.51
N THR A 99 25.46 -10.42 -12.53
CA THR A 99 26.81 -10.04 -12.94
C THR A 99 27.20 -8.70 -12.31
N PHE A 100 28.25 -8.71 -11.51
CA PHE A 100 28.63 -7.53 -10.77
C PHE A 100 29.25 -6.54 -11.71
N ARG A 101 28.94 -5.27 -11.47
CA ARG A 101 29.39 -4.22 -12.37
C ARG A 101 29.10 -2.91 -11.68
N MET A 102 29.26 -1.82 -12.41
CA MET A 102 28.94 -0.53 -11.85
C MET A 102 27.56 -0.49 -11.18
N ASN A 103 27.52 -0.09 -9.92
CA ASN A 103 26.26 0.01 -9.19
C ASN A 103 25.63 -1.32 -8.86
N VAL A 104 26.38 -2.40 -9.01
CA VAL A 104 25.86 -3.73 -8.67
C VAL A 104 26.99 -4.56 -8.08
N ALA A 105 26.95 -4.66 -6.76
CA ALA A 105 27.96 -5.42 -6.04
C ALA A 105 27.36 -5.80 -4.69
N PRO A 106 27.86 -6.89 -4.10
CA PRO A 106 27.27 -7.36 -2.88
C PRO A 106 27.85 -6.63 -1.65
N ALA A 107 27.08 -6.57 -0.57
CA ALA A 107 27.60 -6.05 0.68
C ALA A 107 28.18 -7.24 1.44
N CYS A 108 29.06 -6.99 2.42
CA CYS A 108 29.67 -8.08 3.17
C CYS A 108 28.86 -8.52 4.35
N LEU A 109 28.82 -9.84 4.57
CA LEU A 109 28.31 -10.41 5.79
C LEU A 109 29.47 -10.39 6.75
N PRO A 110 29.29 -9.73 7.90
CA PRO A 110 30.30 -9.75 8.97
C PRO A 110 30.24 -11.04 9.82
N GLU A 111 31.33 -11.32 10.54
CA GLU A 111 31.34 -12.34 11.58
C GLU A 111 30.54 -11.76 12.74
N ARG A 112 29.77 -12.59 13.43
CA ARG A 112 28.84 -12.08 14.43
C ARG A 112 29.46 -11.33 15.62
N ASP A 113 30.47 -11.90 16.29
CA ASP A 113 30.94 -11.28 17.53
C ASP A 113 31.67 -9.98 17.18
N TRP A 114 32.51 -9.99 16.14
CA TRP A 114 33.17 -8.78 15.68
C TRP A 114 32.16 -7.67 15.29
N ALA A 115 31.07 -8.05 14.62
CA ALA A 115 30.03 -7.07 14.26
C ALA A 115 29.34 -6.41 15.50
N GLU A 116 29.02 -7.25 16.48
CA GLU A 116 28.45 -6.78 17.76
C GLU A 116 29.40 -5.83 18.48
N SER A 117 30.70 -6.13 18.44
CA SER A 117 31.61 -5.38 19.28
C SER A 117 32.19 -4.19 18.52
N THR A 118 32.07 -4.22 17.18
CA THR A 118 32.77 -3.27 16.32
C THR A 118 31.90 -2.45 15.34
N LEU A 119 30.87 -3.09 14.79
CA LEU A 119 29.97 -2.43 13.82
C LEU A 119 28.76 -1.81 14.54
N MET A 120 28.12 -2.62 15.38
CA MET A 120 26.96 -2.19 16.16
C MET A 120 27.29 -1.12 17.19
N THR A 121 28.57 -0.95 17.51
CA THR A 121 29.06 0.10 18.45
C THR A 121 29.54 1.35 17.73
N GLN A 122 29.40 1.39 16.42
CA GLN A 122 29.68 2.62 15.73
C GLN A 122 28.55 3.63 16.02
N LYS A 123 28.80 4.86 15.64
CA LYS A 123 27.82 5.92 15.81
C LYS A 123 26.62 5.80 14.89
N THR A 124 26.88 5.46 13.64
CA THR A 124 25.85 5.48 12.62
C THR A 124 26.00 4.29 11.70
N GLY A 125 24.90 3.97 11.02
CA GLY A 125 24.87 3.05 9.91
C GLY A 125 24.21 3.78 8.76
N ILE A 126 24.13 3.12 7.60
CA ILE A 126 23.58 3.73 6.42
C ILE A 126 22.39 2.90 5.90
N VAL A 127 21.24 3.53 5.69
CA VAL A 127 20.09 2.84 5.13
C VAL A 127 19.79 3.45 3.76
N SER A 128 19.22 2.69 2.85
CA SER A 128 19.03 3.20 1.51
C SER A 128 17.76 2.62 0.92
N GLY A 129 17.15 3.34 -0.04
CA GLY A 129 15.93 2.84 -0.67
C GLY A 129 15.32 3.81 -1.68
N PHE A 130 14.37 3.29 -2.45
CA PHE A 130 13.50 4.05 -3.35
C PHE A 130 12.13 4.30 -2.73
N GLY A 131 11.98 4.05 -1.44
CA GLY A 131 10.71 4.20 -0.75
C GLY A 131 10.22 5.63 -0.69
N ARG A 132 9.08 5.83 -0.04
CA ARG A 132 8.48 7.17 0.06
C ARG A 132 9.46 8.14 0.67
N THR A 133 9.40 9.36 0.17
CA THR A 133 10.28 10.43 0.62
C THR A 133 9.56 11.32 1.64
N HIS A 134 8.30 10.98 1.90
CA HIS A 134 7.52 11.45 3.05
C HIS A 134 6.56 10.35 3.45
N GLU A 135 6.22 10.27 4.74
CA GLU A 135 5.25 9.25 5.20
C GLU A 135 4.05 9.09 4.24
N LYS A 136 3.49 10.21 3.79
CA LYS A 136 2.32 10.19 2.89
C LYS A 136 2.73 10.59 1.47
N GLY A 137 4.02 10.74 1.26
CA GLY A 137 4.54 11.19 -0.02
C GLY A 137 4.50 10.06 -1.02
N GLU A 138 5.25 10.20 -2.09
CA GLU A 138 5.33 9.11 -3.06
C GLU A 138 6.75 8.53 -3.04
N GLN A 139 6.87 7.27 -3.46
CA GLN A 139 8.18 6.64 -3.60
C GLN A 139 9.07 7.51 -4.45
N SER A 140 10.37 7.41 -4.23
CA SER A 140 11.31 8.19 -5.01
C SER A 140 11.72 7.42 -6.26
N THR A 141 11.84 8.13 -7.36
CA THR A 141 12.32 7.53 -8.58
C THR A 141 13.82 7.35 -8.42
N ARG A 142 14.42 8.11 -7.52
CA ARG A 142 15.86 8.04 -7.32
C ARG A 142 16.22 7.17 -6.09
N LEU A 143 17.25 6.35 -6.22
CA LEU A 143 17.83 5.68 -5.05
C LEU A 143 18.44 6.71 -4.10
N LYS A 144 17.95 6.74 -2.86
CA LYS A 144 18.53 7.63 -1.85
C LYS A 144 19.21 6.85 -0.71
N MET A 145 20.04 7.53 0.06
CA MET A 145 20.63 6.92 1.23
C MET A 145 20.55 7.89 2.36
N LEU A 146 20.79 7.39 3.57
CA LEU A 146 20.64 8.19 4.77
C LEU A 146 21.48 7.65 5.91
N GLU A 147 22.31 8.49 6.49
CA GLU A 147 23.03 8.09 7.67
C GLU A 147 22.09 8.07 8.88
N VAL A 148 22.03 6.95 9.60
CA VAL A 148 21.18 6.84 10.81
C VAL A 148 21.98 6.41 12.02
N PRO A 149 21.87 7.19 13.10
CA PRO A 149 22.50 6.87 14.36
C PRO A 149 21.93 5.57 14.90
N TYR A 150 22.77 4.70 15.45
CA TYR A 150 22.31 3.61 16.26
C TYR A 150 21.63 4.17 17.51
N VAL A 151 20.45 3.69 17.85
CA VAL A 151 19.77 4.20 19.05
C VAL A 151 19.77 3.10 20.11
N ASP A 152 20.00 3.51 21.36
CA ASP A 152 20.08 2.62 22.51
C ASP A 152 18.82 1.77 22.65
N ARG A 153 18.99 0.48 22.91
N ARG A 153 18.99 0.50 22.93
CA ARG A 153 17.83 -0.39 22.97
CA ARG A 153 17.83 -0.37 22.97
C ARG A 153 16.84 0.09 24.01
C ARG A 153 16.84 0.13 24.00
N ASN A 154 17.35 0.56 25.16
CA ASN A 154 16.40 0.96 26.21
C ASN A 154 15.53 2.09 25.73
N SER A 155 16.12 3.07 25.03
CA SER A 155 15.35 4.26 24.63
C SER A 155 14.31 3.87 23.60
N CYS A 156 14.71 3.05 22.67
N CYS A 156 14.78 3.07 22.64
CA CYS A 156 13.74 2.66 21.69
CA CYS A 156 13.98 2.38 21.60
C CYS A 156 12.56 1.90 22.29
C CYS A 156 12.67 1.82 22.20
N LYS A 157 12.81 1.01 23.24
CA LYS A 157 11.70 0.38 23.92
C LYS A 157 10.69 1.42 24.48
N LEU A 158 11.20 2.45 25.14
CA LEU A 158 10.32 3.46 25.73
C LEU A 158 9.57 4.17 24.63
N SER A 159 10.28 4.42 23.54
CA SER A 159 9.75 5.23 22.46
C SER A 159 8.68 4.48 21.72
N SER A 160 8.64 3.16 21.91
CA SER A 160 7.82 2.32 21.06
C SER A 160 6.47 1.86 21.65
N SER A 161 5.48 1.82 20.77
CA SER A 161 4.15 1.32 21.09
C SER A 161 4.04 -0.16 20.81
N PHE A 162 5.06 -0.72 20.17
CA PHE A 162 5.07 -2.15 19.96
C PHE A 162 6.34 -2.76 20.57
N ILE A 163 6.30 -4.05 20.81
CA ILE A 163 7.38 -4.76 21.45
C ILE A 163 8.59 -4.86 20.53
N ILE A 164 9.71 -4.35 21.01
CA ILE A 164 10.97 -4.48 20.29
C ILE A 164 11.68 -5.72 20.78
N THR A 165 11.90 -6.70 19.91
CA THR A 165 12.55 -7.92 20.36
C THR A 165 14.06 -7.82 20.19
N GLN A 166 14.79 -8.83 20.68
CA GLN A 166 16.24 -8.86 20.53
C GLN A 166 16.66 -9.15 19.09
N ASN A 167 15.69 -9.46 18.21
CA ASN A 167 15.98 -9.61 16.78
C ASN A 167 15.78 -8.32 16.00
N MET A 168 15.51 -7.24 16.73
CA MET A 168 15.33 -5.89 16.16
C MET A 168 16.28 -4.89 16.78
N PHE A 169 16.61 -3.83 16.05
CA PHE A 169 17.29 -2.69 16.67
C PHE A 169 16.70 -1.42 16.11
N CYS A 170 17.00 -0.33 16.77
N CYS A 170 16.86 -0.32 16.85
CA CYS A 170 16.47 0.94 16.35
CA CYS A 170 16.44 1.01 16.39
C CYS A 170 17.59 1.87 15.87
C CYS A 170 17.61 1.81 15.82
N ALA A 171 17.29 2.66 14.84
CA ALA A 171 18.26 3.58 14.31
C ALA A 171 17.47 4.76 13.83
N GLY A 172 18.09 5.92 13.84
CA GLY A 172 17.37 7.10 13.40
C GLY A 172 17.45 8.21 14.42
N TYR A 173 16.44 9.08 14.35
CA TYR A 173 16.39 10.34 15.08
C TYR A 173 15.10 10.53 15.86
N ASP A 174 15.25 11.15 17.02
CA ASP A 174 14.10 11.55 17.82
C ASP A 174 13.23 12.47 17.01
N THR A 175 13.72 13.67 16.70
CA THR A 175 12.85 14.68 16.08
C THR A 175 13.19 15.02 14.63
N LYS A 176 14.49 15.01 14.32
CA LYS A 176 14.96 15.27 12.97
C LYS A 176 14.18 14.47 11.95
N GLN A 177 13.75 15.14 10.87
CA GLN A 177 12.93 14.51 9.84
C GLN A 177 13.75 13.69 8.81
N GLU A 178 14.39 12.64 9.32
CA GLU A 178 15.16 11.69 8.49
C GLU A 178 14.84 10.27 8.95
N ASP A 179 14.58 9.39 7.98
CA ASP A 179 14.20 8.02 8.30
C ASP A 179 14.06 7.27 6.98
N ALA A 180 13.93 5.95 7.08
CA ALA A 180 13.44 5.10 6.03
C ALA A 180 11.94 5.25 6.06
N CYS A 181 11.25 4.66 5.10
CA CYS A 181 9.77 4.76 5.01
C CYS A 181 9.22 3.61 4.16
N GLN A 182 7.90 3.61 3.98
CA GLN A 182 7.22 2.62 3.15
C GLN A 182 7.96 2.49 1.83
N GLY A 183 8.16 1.27 1.34
CA GLY A 183 8.91 1.06 0.09
C GLY A 183 10.43 0.86 0.29
N ASP A 184 10.91 1.13 1.51
CA ASP A 184 12.32 0.90 1.82
C ASP A 184 12.45 -0.44 2.52
N SER A 185 11.33 -0.96 3.00
CA SER A 185 11.36 -2.18 3.80
C SER A 185 12.08 -3.26 3.05
N GLY A 186 12.85 -4.07 3.77
CA GLY A 186 13.61 -5.15 3.14
C GLY A 186 14.97 -4.69 2.66
N GLY A 187 15.19 -3.37 2.59
CA GLY A 187 16.44 -2.87 2.04
C GLY A 187 17.58 -2.86 3.06
N PRO A 188 18.80 -2.43 2.61
CA PRO A 188 19.99 -2.52 3.42
C PRO A 188 20.10 -1.48 4.53
N HIS A 189 20.61 -1.93 5.65
CA HIS A 189 21.23 -1.11 6.66
C HIS A 189 22.65 -1.66 6.72
N VAL A 190 23.61 -0.80 6.38
CA VAL A 190 24.97 -1.27 6.32
C VAL A 190 25.84 -0.33 7.15
N THR A 191 26.92 -0.87 7.70
CA THR A 191 27.85 -0.12 8.55
C THR A 191 29.25 -0.19 7.94
N ARG A 192 29.85 0.97 7.77
CA ARG A 192 31.13 1.05 7.12
C ARG A 192 32.19 0.85 8.18
N PHE A 193 33.19 0.02 7.87
CA PHE A 193 34.36 -0.10 8.70
C PHE A 193 35.59 -0.04 7.79
N LYS A 194 36.43 0.95 7.98
CA LYS A 194 37.54 1.16 7.01
C LYS A 194 37.20 0.96 5.52
N ASP A 195 36.33 1.78 4.95
CA ASP A 195 36.04 1.71 3.49
C ASP A 195 35.33 0.44 3.03
N THR A 196 34.90 -0.42 3.93
CA THR A 196 34.16 -1.60 3.54
C THR A 196 32.84 -1.59 4.28
N TYR A 197 31.77 -1.96 3.58
CA TYR A 197 30.44 -1.86 4.11
C TYR A 197 29.92 -3.26 4.43
N PHE A 198 29.40 -3.45 5.63
CA PHE A 198 28.92 -4.72 6.10
C PHE A 198 27.43 -4.61 6.42
N VAL A 199 26.67 -5.64 6.06
CA VAL A 199 25.24 -5.71 6.34
C VAL A 199 25.02 -5.78 7.85
N THR A 200 24.30 -4.81 8.40
CA THR A 200 24.03 -4.81 9.82
C THR A 200 22.51 -4.88 10.12
N GLY A 201 21.66 -4.56 9.14
CA GLY A 201 20.25 -4.47 9.45
C GLY A 201 19.44 -4.65 8.19
N ILE A 202 18.14 -4.83 8.37
CA ILE A 202 17.22 -4.87 7.24
C ILE A 202 16.11 -3.93 7.65
N VAL A 203 15.77 -2.97 6.81
CA VAL A 203 14.73 -2.01 7.16
C VAL A 203 13.51 -2.87 7.41
N SER A 204 12.86 -2.68 8.55
CA SER A 204 11.82 -3.60 8.95
C SER A 204 10.50 -2.89 9.19
N TRP A 205 10.47 -1.94 10.12
CA TRP A 205 9.22 -1.23 10.36
C TRP A 205 9.39 0.04 11.14
N GLY A 206 8.32 0.85 11.16
CA GLY A 206 8.30 2.10 11.90
C GLY A 206 6.86 2.53 12.08
N GLU A 207 6.59 3.27 13.12
CA GLU A 207 5.24 3.81 13.31
C GLU A 207 5.20 5.09 12.50
N GLY A 208 4.77 5.00 11.23
CA GLY A 208 4.88 6.13 10.32
C GLY A 208 6.31 6.21 9.80
N CYS A 209 6.80 7.41 9.54
CA CYS A 209 8.12 7.59 9.00
C CYS A 209 8.62 8.92 9.52
N ALA A 210 9.77 8.91 10.17
CA ALA A 210 10.36 10.11 10.73
C ALA A 210 9.48 10.80 11.77
N ARG A 211 8.60 10.06 12.43
CA ARG A 211 7.74 10.66 13.46
C ARG A 211 8.54 11.14 14.66
N LYS A 212 8.07 12.21 15.30
CA LYS A 212 8.75 12.66 16.49
C LYS A 212 8.61 11.58 17.56
N GLY A 213 9.66 11.36 18.35
CA GLY A 213 9.62 10.32 19.38
C GLY A 213 9.53 8.89 18.91
N LYS A 214 9.73 8.67 17.62
CA LYS A 214 9.73 7.32 17.09
C LYS A 214 10.98 7.16 16.25
N TYR A 215 11.47 5.91 16.16
CA TYR A 215 12.67 5.60 15.38
C TYR A 215 12.40 4.58 14.29
N GLY A 216 13.38 4.37 13.41
CA GLY A 216 13.33 3.26 12.46
C GLY A 216 13.64 1.94 13.15
N ILE A 217 12.87 0.89 12.85
CA ILE A 217 13.17 -0.43 13.43
C ILE A 217 13.69 -1.37 12.34
N TYR A 218 14.83 -2.00 12.63
CA TYR A 218 15.58 -2.82 11.69
C TYR A 218 15.75 -4.24 12.20
N THR A 219 15.69 -5.21 11.31
CA THR A 219 16.00 -6.57 11.68
C THR A 219 17.48 -6.57 12.08
N LYS A 220 17.81 -7.17 13.20
CA LYS A 220 19.23 -7.18 13.66
C LYS A 220 19.95 -8.34 12.99
N VAL A 221 20.74 -8.03 11.98
CA VAL A 221 21.37 -9.09 11.19
C VAL A 221 22.27 -10.00 12.00
N THR A 222 22.91 -9.49 13.05
CA THR A 222 23.86 -10.33 13.78
C THR A 222 23.12 -11.51 14.38
N ALA A 223 21.82 -11.34 14.60
CA ALA A 223 21.04 -12.41 15.24
C ALA A 223 20.83 -13.56 14.25
N PHE A 224 21.07 -13.30 12.96
CA PHE A 224 20.75 -14.27 11.92
C PHE A 224 21.86 -14.58 10.98
N LEU A 225 23.10 -14.33 11.38
CA LEU A 225 24.21 -14.55 10.47
C LEU A 225 24.31 -16.04 10.10
N LYS A 226 23.96 -16.91 11.03
CA LYS A 226 24.07 -18.33 10.80
C LYS A 226 22.93 -18.79 9.92
N TRP A 227 21.76 -18.21 10.15
CA TRP A 227 20.55 -18.54 9.40
C TRP A 227 20.70 -18.17 7.93
N ILE A 228 21.24 -16.99 7.67
CA ILE A 228 21.55 -16.58 6.31
C ILE A 228 22.51 -17.56 5.66
N ASP A 229 23.59 -17.86 6.36
CA ASP A 229 24.59 -18.78 5.90
C ASP A 229 23.93 -20.07 5.40
N ARG A 230 23.10 -20.64 6.25
CA ARG A 230 22.46 -21.90 5.97
C ARG A 230 21.50 -21.72 4.80
N SER A 231 20.77 -20.61 4.80
CA SER A 231 19.86 -20.28 3.69
C SER A 231 20.55 -20.11 2.34
N MET A 232 21.83 -19.81 2.35
CA MET A 232 22.54 -19.54 1.11
C MET A 232 23.26 -20.80 0.60
N LYS A 233 23.09 -21.93 1.29
CA LYS A 233 23.81 -23.15 0.92
C LYS A 233 22.86 -24.29 0.51
N ILE B 1 -28.83 1.05 -17.37
CA ILE B 1 -28.36 -0.30 -16.94
C ILE B 1 -28.76 -1.38 -17.94
N VAL B 2 -27.77 -2.07 -18.46
CA VAL B 2 -27.99 -3.18 -19.38
C VAL B 2 -28.21 -4.48 -18.61
N GLY B 3 -29.36 -5.13 -18.82
CA GLY B 3 -29.68 -6.31 -18.04
C GLY B 3 -30.18 -5.90 -16.67
N GLY B 4 -29.95 -6.74 -15.67
CA GLY B 4 -30.40 -6.44 -14.32
C GLY B 4 -31.91 -6.27 -14.16
N GLN B 5 -32.34 -5.77 -13.00
CA GLN B 5 -33.76 -5.66 -12.70
C GLN B 5 -34.15 -4.23 -12.29
N GLU B 6 -35.45 -3.96 -12.25
CA GLU B 6 -35.91 -2.63 -11.84
C GLU B 6 -35.87 -2.55 -10.33
N CYS B 7 -35.52 -1.38 -9.82
CA CYS B 7 -35.56 -1.16 -8.37
C CYS B 7 -37.00 -1.09 -7.95
N LYS B 8 -37.42 -2.01 -7.08
CA LYS B 8 -38.74 -1.91 -6.46
C LYS B 8 -38.69 -0.78 -5.47
N ASP B 9 -39.85 -0.39 -4.93
CA ASP B 9 -39.87 0.63 -3.91
C ASP B 9 -38.91 0.37 -2.77
N GLY B 10 -38.11 1.39 -2.51
CA GLY B 10 -37.26 1.42 -1.33
C GLY B 10 -35.97 0.63 -1.53
N GLU B 11 -35.84 -0.01 -2.67
CA GLU B 11 -34.68 -0.86 -2.90
C GLU B 11 -33.39 -0.11 -3.22
N CYS B 12 -33.53 1.08 -3.80
CA CYS B 12 -32.41 1.86 -4.29
C CYS B 12 -32.46 3.30 -3.80
N PRO B 13 -32.60 3.49 -2.48
CA PRO B 13 -33.01 4.81 -2.03
C PRO B 13 -31.93 5.88 -2.07
N TRP B 14 -30.68 5.48 -2.28
CA TRP B 14 -29.56 6.42 -2.30
C TRP B 14 -29.29 6.94 -3.72
N GLN B 15 -30.06 6.45 -4.70
CA GLN B 15 -29.88 6.93 -6.06
C GLN B 15 -30.23 8.39 -6.14
N ALA B 16 -29.40 9.16 -6.82
CA ALA B 16 -29.75 10.53 -7.19
C ALA B 16 -29.58 10.58 -8.68
N LEU B 17 -30.18 11.57 -9.32
CA LEU B 17 -30.01 11.72 -10.76
C LEU B 17 -29.71 13.19 -11.13
N LEU B 18 -28.63 13.40 -11.87
CA LEU B 18 -28.25 14.75 -12.30
C LEU B 18 -29.06 15.10 -13.54
N ILE B 19 -29.82 16.18 -13.49
CA ILE B 19 -30.69 16.53 -14.61
C ILE B 19 -30.29 17.88 -15.21
N ASN B 20 -30.30 17.96 -16.55
CA ASN B 20 -29.84 19.16 -17.25
C ASN B 20 -30.95 20.20 -17.39
N GLU B 21 -30.64 21.29 -18.11
CA GLU B 21 -31.60 22.38 -18.35
C GLU B 21 -32.84 21.87 -19.06
N GLU B 22 -32.71 20.71 -19.68
CA GLU B 22 -33.79 20.07 -20.43
C GLU B 22 -34.57 19.10 -19.54
N ASN B 23 -34.23 19.08 -18.25
CA ASN B 23 -34.86 18.21 -17.25
C ASN B 23 -34.64 16.75 -17.56
N GLU B 24 -33.52 16.47 -18.21
CA GLU B 24 -33.16 15.14 -18.63
C GLU B 24 -31.98 14.64 -17.80
N GLY B 25 -32.02 13.36 -17.46
CA GLY B 25 -30.94 12.77 -16.66
C GLY B 25 -29.74 12.56 -17.57
N PHE B 26 -28.57 12.97 -17.10
CA PHE B 26 -27.37 12.75 -17.89
C PHE B 26 -26.34 12.00 -17.06
N CYS B 27 -26.61 11.86 -15.79
CA CYS B 27 -25.67 11.25 -14.86
C CYS B 27 -26.39 10.92 -13.56
N GLY B 28 -25.87 9.95 -12.83
CA GLY B 28 -26.41 9.61 -11.54
C GLY B 28 -25.57 10.27 -10.46
N GLY B 29 -25.94 9.99 -9.21
CA GLY B 29 -25.13 10.32 -8.04
C GLY B 29 -25.63 9.43 -6.92
N THR B 30 -24.97 9.53 -5.78
CA THR B 30 -25.38 8.78 -4.58
C THR B 30 -25.67 9.76 -3.45
N ILE B 31 -26.77 9.58 -2.76
CA ILE B 31 -27.07 10.42 -1.60
C ILE B 31 -26.12 10.01 -0.47
N LEU B 32 -25.42 10.99 0.10
CA LEU B 32 -24.52 10.70 1.20
C LEU B 32 -25.03 11.28 2.54
N SER B 33 -25.75 12.37 2.47
CA SER B 33 -26.40 12.97 3.65
C SER B 33 -27.49 13.93 3.14
N GLU B 34 -28.18 14.62 4.05
CA GLU B 34 -29.17 15.61 3.61
C GLU B 34 -28.62 16.61 2.59
N PHE B 35 -27.33 16.94 2.69
CA PHE B 35 -26.76 18.02 1.87
C PHE B 35 -25.72 17.59 0.83
N TYR B 36 -25.38 16.32 0.75
CA TYR B 36 -24.25 15.90 -0.10
C TYR B 36 -24.54 14.75 -1.01
N ILE B 37 -24.15 14.93 -2.27
CA ILE B 37 -24.31 13.94 -3.31
C ILE B 37 -22.96 13.59 -3.89
N LEU B 38 -22.66 12.30 -3.91
CA LEU B 38 -21.46 11.81 -4.55
C LEU B 38 -21.65 11.65 -6.05
N THR B 39 -20.73 12.16 -6.86
CA THR B 39 -20.88 11.98 -8.30
C THR B 39 -19.54 11.77 -9.02
N ALA B 40 -19.55 11.61 -10.34
CA ALA B 40 -18.27 11.56 -11.05
C ALA B 40 -17.88 12.96 -11.51
N ALA B 41 -16.59 13.27 -11.47
CA ALA B 41 -16.11 14.57 -11.94
C ALA B 41 -16.43 14.74 -13.43
N HIS B 42 -16.42 13.64 -14.19
CA HIS B 42 -16.63 13.73 -15.63
C HIS B 42 -18.05 14.16 -15.97
N CYS B 43 -18.94 14.10 -14.99
CA CYS B 43 -20.30 14.51 -15.20
C CYS B 43 -20.42 16.03 -15.21
N LEU B 44 -19.49 16.71 -14.55
CA LEU B 44 -19.57 18.17 -14.39
C LEU B 44 -19.19 18.92 -15.65
N TYR B 45 -19.16 18.22 -16.78
CA TYR B 45 -18.72 18.83 -18.02
C TYR B 45 -19.78 18.58 -19.05
N GLN B 46 -20.92 18.05 -18.61
CA GLN B 46 -22.03 17.75 -19.51
C GLN B 46 -23.15 18.78 -19.33
N ALA B 47 -22.87 19.81 -18.52
CA ALA B 47 -23.84 20.85 -18.21
C ALA B 47 -23.23 21.89 -17.27
N LYS B 48 -23.38 23.17 -17.64
CA LYS B 48 -23.00 24.25 -16.72
C LYS B 48 -24.09 24.41 -15.67
N ARG B 49 -25.31 24.10 -16.06
CA ARG B 49 -26.43 24.14 -15.12
C ARG B 49 -27.10 22.78 -15.04
N PHE B 50 -27.29 22.30 -13.82
CA PHE B 50 -28.00 21.06 -13.61
C PHE B 50 -28.46 21.04 -12.18
N LYS B 51 -29.53 20.31 -11.96
CA LYS B 51 -30.03 20.07 -10.62
C LYS B 51 -29.97 18.59 -10.28
N VAL B 52 -30.24 18.30 -9.01
CA VAL B 52 -30.20 16.93 -8.50
C VAL B 52 -31.60 16.46 -8.13
N ARG B 53 -32.00 15.32 -8.66
CA ARG B 53 -33.32 14.76 -8.39
C ARG B 53 -33.19 13.48 -7.58
N VAL B 54 -34.00 13.39 -6.52
CA VAL B 54 -34.08 12.18 -5.68
C VAL B 54 -35.49 11.59 -5.65
N GLY B 55 -35.61 10.37 -5.15
CA GLY B 55 -36.86 9.67 -5.19
C GLY B 55 -37.23 9.34 -6.61
N GLY B 64 -45.96 13.81 -4.98
CA GLY B 64 -44.99 13.13 -4.13
C GLY B 64 -44.03 12.30 -4.95
N GLY B 65 -43.10 11.63 -4.28
CA GLY B 65 -42.14 10.76 -4.98
C GLY B 65 -40.83 11.45 -5.30
N GLU B 66 -40.76 12.07 -6.48
CA GLU B 66 -39.54 12.79 -6.86
C GLU B 66 -39.49 14.16 -6.23
N ALA B 67 -38.29 14.66 -6.01
CA ALA B 67 -38.03 16.01 -5.51
C ALA B 67 -36.72 16.51 -6.13
N VAL B 68 -36.59 17.81 -6.30
CA VAL B 68 -35.46 18.34 -7.05
C VAL B 68 -34.73 19.41 -6.25
N HIS B 69 -33.42 19.23 -6.07
CA HIS B 69 -32.64 20.18 -5.28
C HIS B 69 -31.64 20.90 -6.13
N GLU B 70 -31.24 22.08 -5.65
CA GLU B 70 -30.28 22.92 -6.37
C GLU B 70 -28.87 22.80 -5.82
N VAL B 71 -27.90 22.79 -6.73
CA VAL B 71 -26.51 22.69 -6.31
C VAL B 71 -26.01 24.05 -5.87
N GLU B 72 -25.38 24.07 -4.69
CA GLU B 72 -24.84 25.28 -4.11
C GLU B 72 -23.33 25.34 -4.32
N VAL B 73 -22.69 24.17 -4.28
CA VAL B 73 -21.25 24.02 -4.46
C VAL B 73 -21.01 22.76 -5.28
N VAL B 74 -20.07 22.82 -6.21
CA VAL B 74 -19.52 21.64 -6.86
C VAL B 74 -18.09 21.46 -6.31
N ILE B 75 -17.78 20.30 -5.75
CA ILE B 75 -16.44 20.03 -5.28
C ILE B 75 -15.87 18.91 -6.13
N LYS B 76 -15.15 19.30 -7.18
CA LYS B 76 -14.59 18.38 -8.12
C LYS B 76 -13.21 18.00 -7.61
N HIS B 77 -12.82 16.73 -7.76
CA HIS B 77 -11.43 16.41 -7.45
C HIS B 77 -10.48 17.17 -8.37
N ASN B 78 -9.53 17.87 -7.76
CA ASN B 78 -8.63 18.76 -8.52
C ASN B 78 -7.71 18.05 -9.51
N ARG B 79 -7.51 16.75 -9.30
CA ARG B 79 -6.61 16.00 -10.17
C ARG B 79 -7.30 15.27 -11.35
N PHE B 80 -8.61 15.46 -11.48
CA PHE B 80 -9.33 14.82 -12.56
C PHE B 80 -8.98 15.43 -13.92
N THR B 81 -8.98 14.61 -14.96
CA THR B 81 -8.92 15.10 -16.33
C THR B 81 -9.54 14.08 -17.28
N LYS B 82 -10.18 14.57 -18.33
CA LYS B 82 -10.80 13.73 -19.33
C LYS B 82 -9.72 12.88 -19.98
N GLU B 83 -8.51 13.44 -19.96
CA GLU B 83 -7.33 12.79 -20.50
C GLU B 83 -7.17 11.39 -19.94
N THR B 84 -7.36 11.28 -18.62
CA THR B 84 -7.11 10.03 -17.93
C THR B 84 -8.37 9.44 -17.32
N TYR B 85 -9.35 10.29 -17.05
CA TYR B 85 -10.56 9.88 -16.29
C TYR B 85 -10.18 9.40 -14.90
N ASP B 86 -8.95 9.71 -14.48
CA ASP B 86 -8.46 9.38 -13.17
C ASP B 86 -9.00 10.39 -12.18
N PHE B 87 -9.05 10.01 -10.90
CA PHE B 87 -9.65 10.84 -9.88
C PHE B 87 -11.09 11.23 -10.24
N ASP B 88 -11.85 10.30 -10.83
CA ASP B 88 -13.18 10.65 -11.32
C ASP B 88 -14.19 10.76 -10.17
N ILE B 89 -14.03 11.81 -9.39
CA ILE B 89 -14.92 12.04 -8.27
C ILE B 89 -15.25 13.51 -8.01
N ALA B 90 -16.47 13.72 -7.54
CA ALA B 90 -16.94 15.05 -7.18
C ALA B 90 -17.99 14.88 -6.11
N VAL B 91 -18.10 15.89 -5.24
CA VAL B 91 -19.18 16.01 -4.28
C VAL B 91 -19.95 17.30 -4.55
N LEU B 92 -21.27 17.28 -4.35
CA LEU B 92 -22.12 18.43 -4.52
C LEU B 92 -22.72 18.73 -3.18
N ARG B 93 -22.65 19.99 -2.74
CA ARG B 93 -23.46 20.38 -1.59
C ARG B 93 -24.74 21.04 -2.08
N LEU B 94 -25.87 20.60 -1.53
CA LEU B 94 -27.18 21.08 -1.98
C LEU B 94 -27.59 22.36 -1.25
N LYS B 95 -28.32 23.22 -1.95
CA LYS B 95 -28.79 24.49 -1.39
C LYS B 95 -29.73 24.20 -0.21
N THR B 96 -30.66 23.27 -0.41
CA THR B 96 -31.59 22.87 0.63
C THR B 96 -31.42 21.40 0.90
N PRO B 97 -31.68 20.97 2.13
CA PRO B 97 -31.44 19.60 2.59
C PRO B 97 -32.50 18.61 2.13
N ILE B 98 -32.04 17.45 1.66
CA ILE B 98 -32.92 16.33 1.33
C ILE B 98 -33.74 15.90 2.54
N THR B 99 -35.03 15.67 2.31
CA THR B 99 -35.87 15.08 3.32
C THR B 99 -35.84 13.60 3.02
N PHE B 100 -35.35 12.80 3.98
CA PHE B 100 -35.29 11.35 3.81
C PHE B 100 -36.67 10.77 4.00
N ARG B 101 -37.00 9.77 3.19
CA ARG B 101 -38.36 9.25 3.08
C ARG B 101 -38.35 7.99 2.20
N MET B 102 -39.50 7.39 1.98
CA MET B 102 -39.55 6.31 1.00
C MET B 102 -38.77 6.71 -0.26
N ASN B 103 -37.82 5.88 -0.64
CA ASN B 103 -37.06 6.04 -1.88
C ASN B 103 -35.99 7.07 -1.80
N VAL B 104 -35.77 7.62 -0.60
CA VAL B 104 -34.77 8.68 -0.42
C VAL B 104 -34.04 8.49 0.91
N ALA B 105 -32.83 7.95 0.81
CA ALA B 105 -32.01 7.71 2.00
C ALA B 105 -30.58 7.56 1.54
N PRO B 106 -29.62 7.96 2.40
CA PRO B 106 -28.21 7.92 2.11
C PRO B 106 -27.63 6.51 2.19
N ALA B 107 -26.55 6.31 1.45
CA ALA B 107 -25.77 5.08 1.55
C ALA B 107 -24.68 5.35 2.55
N CYS B 108 -24.15 4.29 3.17
CA CYS B 108 -23.13 4.53 4.16
C CYS B 108 -21.75 4.65 3.55
N LEU B 109 -20.97 5.57 4.11
CA LEU B 109 -19.56 5.58 3.82
C LEU B 109 -18.92 4.62 4.81
N PRO B 110 -18.16 3.66 4.28
CA PRO B 110 -17.46 2.70 5.12
C PRO B 110 -16.14 3.27 5.67
N GLU B 111 -15.56 2.63 6.68
CA GLU B 111 -14.21 3.00 7.09
C GLU B 111 -13.27 2.33 6.11
N ARG B 112 -12.20 3.01 5.71
CA ARG B 112 -11.39 2.53 4.58
C ARG B 112 -10.78 1.16 4.75
N ASP B 113 -10.12 0.93 5.88
CA ASP B 113 -9.41 -0.33 6.02
C ASP B 113 -10.36 -1.51 5.95
N TRP B 114 -11.51 -1.39 6.63
CA TRP B 114 -12.54 -2.43 6.63
C TRP B 114 -13.20 -2.58 5.24
N ALA B 115 -13.52 -1.46 4.61
CA ALA B 115 -13.96 -1.49 3.22
C ALA B 115 -12.98 -2.32 2.38
N GLU B 116 -11.68 -2.08 2.55
CA GLU B 116 -10.68 -2.77 1.72
C GLU B 116 -10.69 -4.28 1.99
N SER B 117 -10.71 -4.64 3.27
CA SER B 117 -10.58 -6.05 3.64
C SER B 117 -11.88 -6.81 3.60
N THR B 118 -13.00 -6.10 3.67
CA THR B 118 -14.28 -6.79 3.82
C THR B 118 -15.33 -6.51 2.73
N LEU B 119 -15.35 -5.28 2.22
CA LEU B 119 -16.32 -4.94 1.18
C LEU B 119 -15.74 -5.23 -0.19
N MET B 120 -14.51 -4.77 -0.40
CA MET B 120 -13.90 -4.89 -1.73
C MET B 120 -13.59 -6.36 -2.05
N THR B 121 -13.64 -7.19 -1.02
CA THR B 121 -13.34 -8.62 -1.13
C THR B 121 -14.60 -9.45 -1.29
N GLN B 122 -15.76 -8.80 -1.29
CA GLN B 122 -17.01 -9.54 -1.45
C GLN B 122 -17.03 -10.02 -2.89
N LYS B 123 -17.96 -10.91 -3.24
CA LYS B 123 -18.13 -11.32 -4.64
C LYS B 123 -18.64 -10.24 -5.55
N THR B 124 -19.68 -9.53 -5.11
CA THR B 124 -20.36 -8.58 -5.99
C THR B 124 -20.66 -7.25 -5.30
N GLY B 125 -21.01 -6.26 -6.11
CA GLY B 125 -21.57 -5.01 -5.60
C GLY B 125 -22.78 -4.73 -6.46
N ILE B 126 -23.48 -3.65 -6.19
CA ILE B 126 -24.71 -3.33 -6.92
C ILE B 126 -24.60 -1.97 -7.57
N VAL B 127 -24.89 -1.88 -8.85
CA VAL B 127 -24.79 -0.61 -9.56
C VAL B 127 -26.21 -0.29 -9.96
N SER B 128 -26.57 0.99 -10.05
CA SER B 128 -27.92 1.34 -10.42
C SER B 128 -27.94 2.61 -11.23
N GLY B 129 -29.03 2.85 -11.95
CA GLY B 129 -29.13 4.08 -12.72
C GLY B 129 -30.34 4.09 -13.62
N PHE B 130 -30.64 5.26 -14.18
CA PHE B 130 -31.66 5.41 -15.20
C PHE B 130 -31.02 5.41 -16.59
N GLY B 131 -29.81 4.84 -16.69
CA GLY B 131 -29.04 4.93 -17.91
C GLY B 131 -29.61 4.06 -19.01
N ARG B 132 -28.97 4.08 -20.17
CA ARG B 132 -29.46 3.29 -21.30
C ARG B 132 -29.56 1.82 -20.93
N THR B 133 -30.48 1.09 -21.60
CA THR B 133 -30.62 -0.35 -21.38
C THR B 133 -29.92 -1.18 -22.45
N HIS B 134 -29.44 -0.49 -23.48
CA HIS B 134 -28.53 -1.10 -24.46
C HIS B 134 -27.66 -0.02 -25.05
N GLU B 135 -26.43 -0.39 -25.41
CA GLU B 135 -25.44 0.56 -25.88
C GLU B 135 -26.01 1.60 -26.84
N LYS B 136 -27.11 1.23 -27.52
CA LYS B 136 -27.73 2.12 -28.51
C LYS B 136 -29.00 2.85 -28.04
N GLY B 137 -29.60 2.39 -26.97
CA GLY B 137 -30.94 2.81 -26.57
C GLY B 137 -31.09 4.18 -25.94
N GLU B 138 -32.27 4.46 -25.41
CA GLU B 138 -32.48 5.69 -24.68
C GLU B 138 -32.49 5.40 -23.20
N GLN B 139 -32.60 6.44 -22.38
CA GLN B 139 -32.57 6.24 -20.94
C GLN B 139 -33.83 5.53 -20.43
N SER B 140 -33.68 4.82 -19.32
CA SER B 140 -34.75 4.03 -18.74
C SER B 140 -35.66 4.98 -17.98
N THR B 141 -36.97 4.82 -18.12
CA THR B 141 -37.89 5.64 -17.35
C THR B 141 -37.92 5.02 -15.96
N ARG B 142 -37.38 3.81 -15.87
CA ARG B 142 -37.42 3.09 -14.62
C ARG B 142 -36.01 3.00 -14.05
N LEU B 143 -35.89 3.23 -12.75
CA LEU B 143 -34.63 3.04 -12.05
C LEU B 143 -34.29 1.56 -12.08
N LYS B 144 -33.14 1.20 -12.64
CA LYS B 144 -32.70 -0.19 -12.60
C LYS B 144 -31.49 -0.40 -11.69
N MET B 145 -31.26 -1.66 -11.30
CA MET B 145 -30.05 -2.03 -10.57
C MET B 145 -29.51 -3.31 -11.16
N LEU B 146 -28.27 -3.61 -10.82
CA LEU B 146 -27.55 -4.74 -11.39
C LEU B 146 -26.45 -5.20 -10.45
N GLU B 147 -26.46 -6.48 -10.10
CA GLU B 147 -25.35 -7.05 -9.34
C GLU B 147 -24.19 -7.25 -10.33
N VAL B 148 -23.02 -6.70 -9.98
CA VAL B 148 -21.84 -6.79 -10.82
C VAL B 148 -20.71 -7.38 -9.97
N PRO B 149 -20.19 -8.55 -10.37
CA PRO B 149 -19.04 -9.17 -9.73
C PRO B 149 -17.84 -8.25 -9.69
N TYR B 150 -17.10 -8.25 -8.60
CA TYR B 150 -15.84 -7.52 -8.64
C TYR B 150 -14.94 -8.23 -9.62
N VAL B 151 -14.17 -7.47 -10.40
CA VAL B 151 -13.21 -8.07 -11.31
C VAL B 151 -11.73 -7.78 -10.95
N ASP B 152 -10.96 -8.84 -10.75
CA ASP B 152 -9.49 -8.79 -10.59
C ASP B 152 -8.77 -7.66 -11.36
N ARG B 153 -7.91 -6.91 -10.67
N ARG B 153 -7.91 -6.91 -10.67
CA ARG B 153 -7.19 -5.81 -11.31
CA ARG B 153 -7.21 -5.80 -11.33
C ARG B 153 -6.41 -6.25 -12.55
C ARG B 153 -6.40 -6.23 -12.55
N ASN B 154 -5.64 -7.32 -12.42
CA ASN B 154 -4.83 -7.79 -13.56
C ASN B 154 -5.67 -8.04 -14.79
N SER B 155 -6.78 -8.75 -14.62
CA SER B 155 -7.70 -8.99 -15.74
C SER B 155 -8.23 -7.68 -16.33
N CYS B 156 -8.42 -6.69 -15.49
N CYS B 156 -8.43 -6.71 -15.44
CA CYS B 156 -9.01 -5.48 -16.04
CA CYS B 156 -8.98 -5.39 -15.75
C CYS B 156 -8.01 -4.66 -16.81
C CYS B 156 -8.04 -4.60 -16.68
N LYS B 157 -6.76 -4.58 -16.33
CA LYS B 157 -5.74 -3.85 -17.09
C LYS B 157 -5.56 -4.53 -18.43
N LEU B 158 -5.48 -5.86 -18.40
CA LEU B 158 -5.35 -6.64 -19.61
C LEU B 158 -6.55 -6.52 -20.55
N SER B 159 -7.73 -6.31 -19.98
CA SER B 159 -8.94 -6.22 -20.80
C SER B 159 -9.14 -4.84 -21.43
N SER B 160 -8.48 -3.85 -20.85
CA SER B 160 -8.75 -2.46 -21.21
C SER B 160 -7.79 -1.89 -22.25
N SER B 161 -8.36 -1.12 -23.19
CA SER B 161 -7.61 -0.37 -24.16
C SER B 161 -6.96 0.82 -23.48
N PHE B 162 -7.54 1.22 -22.35
CA PHE B 162 -7.07 2.38 -21.62
C PHE B 162 -6.43 2.01 -20.30
N ILE B 163 -5.68 2.94 -19.76
CA ILE B 163 -4.98 2.70 -18.52
C ILE B 163 -5.93 2.68 -17.32
N ILE B 164 -5.86 1.59 -16.58
CA ILE B 164 -6.64 1.40 -15.37
C ILE B 164 -5.76 1.81 -14.21
N THR B 165 -6.10 2.89 -13.52
CA THR B 165 -5.27 3.35 -12.42
C THR B 165 -5.76 2.79 -11.09
N GLN B 166 -5.04 3.13 -10.03
CA GLN B 166 -5.37 2.61 -8.70
C GLN B 166 -6.57 3.31 -8.10
N ASN B 167 -7.05 4.33 -8.78
CA ASN B 167 -8.26 5.05 -8.34
C ASN B 167 -9.49 4.50 -9.06
N MET B 168 -9.28 3.39 -9.77
CA MET B 168 -10.34 2.72 -10.50
C MET B 168 -10.36 1.27 -10.13
N PHE B 169 -11.55 0.68 -10.23
CA PHE B 169 -11.65 -0.76 -10.22
C PHE B 169 -12.65 -1.22 -11.28
N CYS B 170 -12.70 -2.51 -11.52
N CYS B 170 -12.57 -2.50 -11.66
CA CYS B 170 -13.59 -2.97 -12.54
CA CYS B 170 -13.49 -3.10 -12.67
C CYS B 170 -14.60 -3.97 -11.99
C CYS B 170 -14.59 -3.92 -11.99
N ALA B 171 -15.78 -3.95 -12.58
CA ALA B 171 -16.86 -4.80 -12.08
C ALA B 171 -17.77 -5.17 -13.23
N GLY B 172 -18.41 -6.33 -13.11
CA GLY B 172 -19.34 -6.79 -14.11
C GLY B 172 -18.90 -8.10 -14.73
N TYR B 173 -19.12 -8.20 -16.05
CA TYR B 173 -18.98 -9.50 -16.74
C TYR B 173 -18.14 -9.42 -18.01
N ASP B 174 -17.44 -10.52 -18.25
CA ASP B 174 -16.59 -10.67 -19.43
C ASP B 174 -17.48 -10.75 -20.65
N THR B 175 -18.40 -11.70 -20.68
CA THR B 175 -19.29 -11.83 -21.84
C THR B 175 -20.80 -11.68 -21.58
N LYS B 176 -21.27 -12.13 -20.43
CA LYS B 176 -22.66 -11.88 -20.06
C LYS B 176 -23.03 -10.45 -20.44
N GLN B 177 -24.25 -10.27 -20.95
CA GLN B 177 -24.68 -8.98 -21.42
C GLN B 177 -25.43 -8.24 -20.31
N GLU B 178 -24.68 -7.88 -19.27
CA GLU B 178 -25.20 -7.04 -18.20
C GLU B 178 -24.09 -6.08 -17.86
N ASP B 179 -24.44 -4.82 -17.64
CA ASP B 179 -23.45 -3.78 -17.37
C ASP B 179 -24.10 -2.42 -17.12
N ALA B 180 -23.34 -1.46 -16.60
CA ALA B 180 -23.86 -0.10 -16.56
C ALA B 180 -23.72 0.45 -17.97
N CYS B 181 -24.30 1.61 -18.24
CA CYS B 181 -24.22 2.20 -19.56
C CYS B 181 -24.33 3.71 -19.48
N GLN B 182 -24.34 4.36 -20.64
CA GLN B 182 -24.40 5.81 -20.71
C GLN B 182 -25.65 6.28 -20.00
N GLY B 183 -25.54 7.40 -19.28
CA GLY B 183 -26.63 7.89 -18.43
C GLY B 183 -26.58 7.32 -16.99
N ASP B 184 -25.81 6.26 -16.80
CA ASP B 184 -25.56 5.73 -15.45
C ASP B 184 -24.36 6.41 -14.78
N SER B 185 -23.43 6.90 -15.60
CA SER B 185 -22.20 7.48 -15.06
C SER B 185 -22.47 8.35 -13.84
N GLY B 186 -21.57 8.29 -12.86
CA GLY B 186 -21.69 9.10 -11.65
C GLY B 186 -22.54 8.48 -10.56
N GLY B 187 -23.33 7.47 -10.92
CA GLY B 187 -24.27 6.89 -9.97
C GLY B 187 -23.59 5.97 -8.99
N PRO B 188 -24.37 5.27 -8.16
CA PRO B 188 -23.86 4.44 -7.06
C PRO B 188 -23.35 3.03 -7.42
N HIS B 189 -22.28 2.61 -6.75
CA HIS B 189 -21.89 1.23 -6.72
C HIS B 189 -21.77 1.00 -5.23
N VAL B 190 -22.63 0.14 -4.69
CA VAL B 190 -22.67 -0.07 -3.26
C VAL B 190 -22.46 -1.54 -3.06
N THR B 191 -21.90 -1.90 -1.91
CA THR B 191 -21.69 -3.29 -1.60
C THR B 191 -22.51 -3.61 -0.37
N ARG B 192 -23.25 -4.70 -0.44
CA ARG B 192 -24.10 -5.11 0.68
C ARG B 192 -23.28 -5.84 1.71
N PHE B 193 -23.43 -5.46 2.98
CA PHE B 193 -22.88 -6.23 4.07
C PHE B 193 -23.93 -6.40 5.14
N LYS B 194 -24.38 -7.64 5.34
CA LYS B 194 -25.42 -7.89 6.33
C LYS B 194 -26.53 -6.84 6.27
N ASP B 195 -27.22 -6.76 5.15
CA ASP B 195 -28.36 -5.87 5.04
C ASP B 195 -28.04 -4.37 5.18
N THR B 196 -26.75 -4.00 5.14
CA THR B 196 -26.42 -2.58 5.04
C THR B 196 -25.62 -2.32 3.77
N TYR B 197 -25.95 -1.26 3.04
CA TYR B 197 -25.33 -1.00 1.74
C TYR B 197 -24.33 0.13 1.89
N PHE B 198 -23.06 -0.14 1.51
CA PHE B 198 -21.97 0.82 1.71
C PHE B 198 -21.50 1.26 0.33
N VAL B 199 -21.15 2.53 0.21
N VAL B 199 -21.18 2.53 0.22
CA VAL B 199 -20.74 3.02 -1.08
CA VAL B 199 -20.66 3.09 -1.01
C VAL B 199 -19.31 2.58 -1.37
C VAL B 199 -19.29 2.48 -1.30
N THR B 200 -19.13 1.86 -2.46
CA THR B 200 -17.83 1.30 -2.80
C THR B 200 -17.28 1.83 -4.13
N GLY B 201 -18.16 2.39 -4.95
CA GLY B 201 -17.70 2.91 -6.20
C GLY B 201 -18.53 4.05 -6.74
N ILE B 202 -18.06 4.60 -7.84
CA ILE B 202 -18.85 5.56 -8.59
C ILE B 202 -18.74 5.08 -9.99
N VAL B 203 -19.86 5.05 -10.70
CA VAL B 203 -19.85 4.55 -12.08
C VAL B 203 -19.03 5.52 -12.92
N SER B 204 -17.99 5.00 -13.56
CA SER B 204 -17.02 5.91 -14.13
C SER B 204 -17.05 5.84 -15.65
N TRP B 205 -16.57 4.75 -16.18
CA TRP B 205 -16.53 4.65 -17.63
C TRP B 205 -16.54 3.21 -18.13
N GLY B 206 -16.69 3.07 -19.44
CA GLY B 206 -16.64 1.77 -20.07
C GLY B 206 -16.56 2.03 -21.55
N GLU B 207 -15.82 1.21 -22.25
CA GLU B 207 -15.75 1.29 -23.71
C GLU B 207 -17.03 0.71 -24.25
N GLY B 208 -18.04 1.55 -24.43
CA GLY B 208 -19.35 1.05 -24.79
C GLY B 208 -20.01 0.49 -23.55
N CYS B 209 -20.92 -0.47 -23.72
CA CYS B 209 -21.64 -1.10 -22.60
C CYS B 209 -21.84 -2.58 -22.87
N ALA B 210 -21.56 -3.41 -21.86
CA ALA B 210 -21.78 -4.84 -21.89
C ALA B 210 -21.01 -5.59 -22.99
N ARG B 211 -20.05 -4.92 -23.62
CA ARG B 211 -19.26 -5.60 -24.67
C ARG B 211 -18.51 -6.80 -24.11
N LYS B 212 -18.37 -7.86 -24.92
CA LYS B 212 -17.58 -9.04 -24.51
C LYS B 212 -16.14 -8.57 -24.34
N GLY B 213 -15.49 -9.01 -23.26
CA GLY B 213 -14.08 -8.68 -23.06
C GLY B 213 -13.79 -7.33 -22.41
N LYS B 214 -14.83 -6.53 -22.22
CA LYS B 214 -14.73 -5.24 -21.54
C LYS B 214 -15.55 -5.22 -20.25
N TYR B 215 -15.04 -4.55 -19.22
CA TYR B 215 -15.79 -4.43 -17.95
C TYR B 215 -16.20 -3.00 -17.71
N GLY B 216 -17.04 -2.81 -16.68
CA GLY B 216 -17.39 -1.48 -16.21
C GLY B 216 -16.27 -0.96 -15.32
N ILE B 217 -15.88 0.28 -15.52
CA ILE B 217 -14.80 0.86 -14.74
C ILE B 217 -15.38 1.84 -13.73
N TYR B 218 -15.03 1.64 -12.46
CA TYR B 218 -15.58 2.44 -11.39
C TYR B 218 -14.54 3.22 -10.62
N THR B 219 -14.91 4.40 -10.13
CA THR B 219 -14.03 5.13 -9.21
C THR B 219 -13.96 4.32 -7.92
N LYS B 220 -12.74 4.08 -7.46
CA LYS B 220 -12.53 3.32 -6.23
C LYS B 220 -12.70 4.24 -5.06
N VAL B 221 -13.87 4.22 -4.45
CA VAL B 221 -14.16 5.15 -3.39
C VAL B 221 -13.25 4.99 -2.17
N THR B 222 -12.72 3.80 -1.93
CA THR B 222 -11.80 3.67 -0.80
C THR B 222 -10.60 4.59 -0.94
N ALA B 223 -10.14 4.79 -2.16
CA ALA B 223 -9.02 5.71 -2.34
C ALA B 223 -9.40 7.15 -1.95
N PHE B 224 -10.70 7.44 -1.83
CA PHE B 224 -11.19 8.81 -1.67
C PHE B 224 -12.03 9.09 -0.43
N LEU B 225 -12.06 8.14 0.52
CA LEU B 225 -12.83 8.33 1.73
C LEU B 225 -12.42 9.57 2.52
N LYS B 226 -11.12 9.78 2.65
CA LYS B 226 -10.65 10.98 3.35
C LYS B 226 -10.96 12.23 2.56
N TRP B 227 -10.90 12.14 1.24
CA TRP B 227 -11.20 13.32 0.44
C TRP B 227 -12.67 13.68 0.58
N ILE B 228 -13.53 12.65 0.58
CA ILE B 228 -14.96 12.85 0.71
C ILE B 228 -15.27 13.53 2.03
N ASP B 229 -14.76 12.97 3.11
CA ASP B 229 -14.97 13.54 4.42
C ASP B 229 -14.60 15.03 4.38
N ARG B 230 -13.40 15.36 3.88
CA ARG B 230 -12.98 16.76 3.79
C ARG B 230 -13.94 17.63 2.98
N SER B 231 -14.38 17.12 1.84
CA SER B 231 -15.22 17.89 0.98
C SER B 231 -16.53 18.15 1.67
N MET B 232 -16.93 17.24 2.55
CA MET B 232 -18.22 17.33 3.22
C MET B 232 -18.13 18.11 4.52
N LYS B 233 -16.92 18.36 4.98
CA LYS B 233 -16.74 18.98 6.28
C LYS B 233 -16.38 20.44 6.13
N ARG C 1 -8.83 -15.85 20.41
CA ARG C 1 -9.30 -14.43 20.38
C ARG C 1 -10.05 -14.15 19.11
N LYS C 2 -11.32 -13.78 19.21
CA LYS C 2 -12.07 -13.41 18.02
C LYS C 2 -11.21 -12.72 16.97
N LEU C 3 -11.65 -12.81 15.72
CA LEU C 3 -10.89 -12.28 14.61
C LEU C 3 -11.83 -11.59 13.64
N CYS C 4 -11.36 -10.52 13.02
CA CYS C 4 -12.22 -9.88 12.05
C CYS C 4 -12.38 -10.75 10.79
N SER C 5 -11.45 -11.68 10.59
CA SER C 5 -11.52 -12.50 9.39
C SER C 5 -12.48 -13.67 9.56
N LEU C 6 -13.01 -13.87 10.76
CA LEU C 6 -14.03 -14.90 10.95
C LEU C 6 -15.35 -14.24 11.34
N ASP C 7 -16.34 -14.34 10.44
CA ASP C 7 -17.65 -13.72 10.61
C ASP C 7 -17.55 -12.29 11.01
N ASN C 8 -16.50 -11.62 10.54
CA ASN C 8 -16.38 -10.19 10.80
C ASN C 8 -16.33 -9.92 12.31
N GLY C 9 -15.72 -10.83 13.06
CA GLY C 9 -15.60 -10.61 14.50
C GLY C 9 -16.95 -10.53 15.22
N ASP C 10 -17.99 -11.04 14.59
CA ASP C 10 -19.38 -10.89 15.00
C ASP C 10 -19.89 -9.46 14.98
N CYS C 11 -19.14 -8.54 14.39
CA CYS C 11 -19.58 -7.18 14.23
C CYS C 11 -20.70 -7.05 13.20
N ASP C 12 -21.65 -6.14 13.41
CA ASP C 12 -22.71 -5.93 12.44
C ASP C 12 -22.15 -5.12 11.28
N GLN C 13 -21.23 -4.23 11.58
CA GLN C 13 -20.69 -3.32 10.62
C GLN C 13 -19.18 -3.36 10.69
N PHE C 14 -18.53 -2.30 11.16
CA PHE C 14 -17.04 -2.28 11.08
C PHE C 14 -16.42 -3.18 12.14
N CYS C 15 -15.38 -3.89 11.76
CA CYS C 15 -14.57 -4.67 12.67
C CYS C 15 -13.13 -4.19 12.52
N HIS C 16 -12.45 -4.04 13.66
CA HIS C 16 -11.02 -3.79 13.66
C HIS C 16 -10.41 -4.54 14.81
N GLU C 17 -9.11 -4.76 14.74
CA GLU C 17 -8.42 -5.36 15.87
C GLU C 17 -7.48 -4.32 16.48
N GLU C 18 -7.71 -4.01 17.75
CA GLU C 18 -6.87 -3.06 18.52
C GLU C 18 -6.37 -3.76 19.78
N GLN C 19 -5.10 -3.54 20.11
CA GLN C 19 -4.51 -4.25 21.23
C GLN C 19 -4.82 -5.74 21.08
N ASN C 20 -4.63 -6.23 19.85
CA ASN C 20 -4.80 -7.63 19.53
C ASN C 20 -6.10 -8.16 20.12
N SER C 21 -7.18 -7.42 19.88
CA SER C 21 -8.52 -7.80 20.30
C SER C 21 -9.51 -7.20 19.29
N VAL C 22 -10.66 -7.86 19.09
CA VAL C 22 -11.68 -7.33 18.17
C VAL C 22 -12.47 -6.16 18.76
N VAL C 23 -12.60 -5.07 17.99
CA VAL C 23 -13.45 -3.95 18.35
C VAL C 23 -14.38 -3.69 17.17
N CYS C 24 -15.68 -3.61 17.46
CA CYS C 24 -16.70 -3.30 16.43
C CYS C 24 -17.01 -1.83 16.43
N SER C 25 -17.52 -1.33 15.32
CA SER C 25 -18.05 0.01 15.34
C SER C 25 -19.10 0.17 14.26
N CYS C 26 -19.67 1.36 14.13
CA CYS C 26 -20.79 1.55 13.23
C CYS C 26 -20.64 2.85 12.50
N ALA C 27 -21.30 2.89 11.36
CA ALA C 27 -21.43 4.11 10.56
C ALA C 27 -22.17 5.20 11.35
N ARG C 28 -21.94 6.45 10.94
CA ARG C 28 -22.73 7.57 11.44
C ARG C 28 -24.20 7.26 11.27
N GLY C 29 -25.00 7.70 12.23
CA GLY C 29 -26.41 7.43 12.21
C GLY C 29 -26.73 6.14 12.92
N TYR C 30 -25.70 5.55 13.52
CA TYR C 30 -25.86 4.30 14.28
C TYR C 30 -25.13 4.35 15.59
N THR C 31 -25.66 3.63 16.56
CA THR C 31 -24.98 3.50 17.83
C THR C 31 -24.63 2.07 18.07
N LEU C 32 -23.41 1.83 18.53
CA LEU C 32 -23.01 0.45 18.79
C LEU C 32 -23.82 -0.04 19.99
N ALA C 33 -24.42 -1.23 19.87
CA ALA C 33 -25.20 -1.81 20.96
C ALA C 33 -24.38 -2.11 22.20
N ASP C 34 -25.10 -2.29 23.32
CA ASP C 34 -24.44 -2.56 24.60
C ASP C 34 -23.56 -3.80 24.47
N ASN C 35 -24.01 -4.76 23.67
CA ASN C 35 -23.27 -6.03 23.47
C ASN C 35 -21.98 -5.85 22.67
N GLY C 36 -21.72 -4.61 22.25
CA GLY C 36 -20.50 -4.25 21.53
C GLY C 36 -20.38 -4.75 20.09
N LYS C 37 -21.46 -5.36 19.57
CA LYS C 37 -21.47 -6.00 18.25
C LYS C 37 -22.48 -5.35 17.30
N ALA C 38 -23.73 -5.26 17.76
CA ALA C 38 -24.84 -4.77 16.93
C ALA C 38 -24.76 -3.25 16.78
N CYS C 39 -25.33 -2.78 15.67
CA CYS C 39 -25.41 -1.35 15.32
C CYS C 39 -26.88 -0.93 15.29
N ILE C 40 -27.24 -0.03 16.19
N ILE C 40 -27.24 -0.02 16.20
CA ILE C 40 -28.64 0.39 16.33
CA ILE C 40 -28.63 0.41 16.37
C ILE C 40 -28.88 1.74 15.66
C ILE C 40 -28.89 1.76 15.68
N PRO C 41 -29.85 1.80 14.73
CA PRO C 41 -30.04 3.07 14.02
C PRO C 41 -30.61 4.10 14.98
N THR C 42 -30.12 5.33 14.91
CA THR C 42 -30.61 6.39 15.80
C THR C 42 -31.87 7.02 15.27
N GLY C 43 -32.20 6.68 14.02
CA GLY C 43 -33.28 7.34 13.33
C GLY C 43 -33.95 6.44 12.34
N PRO C 44 -35.01 6.95 11.70
CA PRO C 44 -35.81 6.14 10.78
C PRO C 44 -35.20 6.02 9.38
N TYR C 45 -34.20 6.83 9.05
CA TYR C 45 -33.56 6.73 7.71
C TYR C 45 -32.04 6.68 7.79
N PRO C 46 -31.53 5.69 8.51
CA PRO C 46 -30.10 5.50 8.71
C PRO C 46 -29.47 5.08 7.37
N CYS C 47 -28.21 5.45 7.16
CA CYS C 47 -27.56 5.12 5.91
C CYS C 47 -27.61 3.63 5.60
N GLY C 48 -27.64 3.33 4.30
CA GLY C 48 -27.41 1.98 3.81
C GLY C 48 -28.55 1.03 4.07
N LYS C 49 -29.68 1.57 4.50
CA LYS C 49 -30.86 0.76 4.69
C LYS C 49 -31.91 1.08 3.66
N GLN C 50 -32.44 0.02 3.06
CA GLN C 50 -33.55 0.16 2.15
C GLN C 50 -34.77 0.65 2.94
N THR C 51 -35.56 1.52 2.34
CA THR C 51 -36.65 2.18 3.07
C THR C 51 -37.92 1.34 3.04
N LEU C 52 -38.50 1.11 4.21
CA LEU C 52 -39.77 0.42 4.35
C LEU C 52 -40.81 1.37 4.96
N GLU C 53 -42.02 0.87 5.15
CA GLU C 53 -43.08 1.65 5.79
C GLU C 53 -43.31 1.13 7.19
N ARG C 54 -44.12 1.66 7.96
N ARG D 1 47.76 -10.76 24.59
CA ARG D 1 47.70 -9.51 25.39
C ARG D 1 47.40 -8.37 24.41
N LYS D 2 47.34 -8.71 23.13
CA LYS D 2 46.93 -7.76 22.09
C LYS D 2 45.42 -7.72 22.05
N LEU D 3 44.83 -6.58 21.70
CA LEU D 3 43.38 -6.52 21.71
C LEU D 3 42.73 -5.99 20.43
N CYS D 4 41.57 -6.53 20.14
CA CYS D 4 40.79 -5.99 19.05
C CYS D 4 40.16 -4.63 19.43
N SER D 5 40.30 -4.25 20.69
CA SER D 5 39.58 -3.07 21.16
C SER D 5 40.47 -1.85 21.02
N LEU D 6 41.68 -2.07 20.49
CA LEU D 6 42.55 -0.96 20.19
C LEU D 6 42.88 -0.96 18.70
N ASP D 7 42.40 0.02 17.95
CA ASP D 7 42.60 0.06 16.50
C ASP D 7 42.26 -1.27 15.82
N ASN D 8 41.29 -2.00 16.37
CA ASN D 8 40.84 -3.24 15.75
C ASN D 8 41.97 -4.25 15.57
N GLY D 9 42.93 -4.24 16.50
CA GLY D 9 44.07 -5.16 16.42
C GLY D 9 44.91 -4.95 15.17
N ASP D 10 44.80 -3.75 14.61
CA ASP D 10 45.45 -3.39 13.36
C ASP D 10 44.91 -4.19 12.16
N CYS D 11 43.85 -4.96 12.38
CA CYS D 11 43.20 -5.69 11.28
C CYS D 11 42.44 -4.77 10.33
N ASP D 12 42.35 -5.12 9.04
CA ASP D 12 41.52 -4.35 8.10
C ASP D 12 40.05 -4.63 8.32
N GLN D 13 39.73 -5.87 8.67
CA GLN D 13 38.34 -6.30 8.78
C GLN D 13 38.18 -7.00 10.09
N PHE D 14 37.93 -8.31 10.07
CA PHE D 14 37.60 -9.02 11.31
C PHE D 14 38.78 -9.17 12.25
N CYS D 15 38.49 -9.08 13.54
CA CYS D 15 39.55 -9.21 14.53
C CYS D 15 39.07 -10.11 15.62
N HIS D 16 39.91 -11.07 15.99
CA HIS D 16 39.61 -11.85 17.21
C HIS D 16 40.84 -11.99 18.07
N GLU D 17 40.63 -12.10 19.37
CA GLU D 17 41.74 -12.33 20.28
C GLU D 17 41.91 -13.83 20.44
N GLU D 18 43.14 -14.29 20.21
CA GLU D 18 43.49 -15.70 20.20
C GLU D 18 44.80 -15.91 20.94
N GLN D 19 44.78 -16.75 21.98
CA GLN D 19 45.97 -17.04 22.78
C GLN D 19 46.79 -15.79 23.06
N ASN D 20 46.18 -14.84 23.76
CA ASN D 20 46.82 -13.58 24.10
C ASN D 20 47.33 -12.78 22.89
N SER D 21 46.87 -13.13 21.71
CA SER D 21 47.17 -12.30 20.55
C SER D 21 46.00 -12.13 19.61
N VAL D 22 46.17 -11.24 18.64
CA VAL D 22 45.14 -10.93 17.67
C VAL D 22 45.30 -11.80 16.44
N VAL D 23 44.17 -12.21 15.89
CA VAL D 23 44.18 -12.88 14.61
C VAL D 23 43.14 -12.16 13.74
N CYS D 24 43.57 -11.72 12.56
CA CYS D 24 42.72 -10.98 11.64
C CYS D 24 42.13 -11.95 10.66
N SER D 25 41.00 -11.59 10.09
CA SER D 25 40.47 -12.37 9.00
C SER D 25 39.62 -11.48 8.10
N CYS D 26 39.06 -12.04 7.05
CA CYS D 26 38.47 -11.21 6.02
C CYS D 26 37.19 -11.88 5.55
N ALA D 27 36.31 -11.11 4.94
CA ALA D 27 35.05 -11.61 4.39
C ALA D 27 35.37 -12.45 3.17
N ARG D 28 34.38 -13.20 2.68
CA ARG D 28 34.57 -13.99 1.47
C ARG D 28 34.85 -13.04 0.35
N GLY D 29 35.77 -13.42 -0.53
CA GLY D 29 36.09 -12.59 -1.66
C GLY D 29 37.32 -11.77 -1.38
N TYR D 30 37.91 -12.03 -0.21
CA TYR D 30 39.12 -11.33 0.22
C TYR D 30 40.05 -12.39 0.76
N THR D 31 41.37 -12.21 0.55
CA THR D 31 42.36 -13.06 1.19
C THR D 31 43.17 -12.22 2.16
N LEU D 32 43.43 -12.79 3.33
CA LEU D 32 44.29 -12.12 4.29
C LEU D 32 45.72 -12.01 3.74
N ALA D 33 46.28 -10.81 3.87
CA ALA D 33 47.58 -10.48 3.33
C ALA D 33 48.68 -11.20 4.11
N ASP D 34 49.88 -11.27 3.53
CA ASP D 34 50.96 -11.99 4.22
C ASP D 34 51.24 -11.37 5.57
N ASN D 35 51.07 -10.04 5.67
CA ASN D 35 51.32 -9.35 6.95
C ASN D 35 50.28 -9.70 8.01
N GLY D 36 49.26 -10.43 7.61
CA GLY D 36 48.28 -10.94 8.54
C GLY D 36 47.31 -9.90 9.03
N LYS D 37 47.32 -8.73 8.41
CA LYS D 37 46.42 -7.64 8.84
C LYS D 37 45.44 -7.21 7.73
N ALA D 38 45.97 -7.09 6.52
CA ALA D 38 45.25 -6.51 5.40
C ALA D 38 44.35 -7.54 4.73
N CYS D 39 43.28 -7.07 4.09
CA CYS D 39 42.36 -7.90 3.31
C CYS D 39 42.44 -7.51 1.85
N ILE D 40 42.82 -8.49 1.03
N ILE D 40 42.83 -8.49 1.04
CA ILE D 40 43.13 -8.25 -0.35
CA ILE D 40 43.13 -8.24 -0.36
C ILE D 40 42.03 -8.85 -1.21
C ILE D 40 42.02 -8.84 -1.19
N PRO D 41 41.31 -8.02 -1.97
CA PRO D 41 40.23 -8.54 -2.78
C PRO D 41 40.76 -9.52 -3.83
N THR D 42 40.00 -10.59 -4.10
CA THR D 42 40.41 -11.55 -5.10
C THR D 42 39.70 -11.36 -6.48
N GLY D 43 38.72 -10.47 -6.53
CA GLY D 43 38.07 -10.13 -7.79
C GLY D 43 37.83 -8.64 -7.85
N PRO D 44 37.27 -8.15 -8.95
CA PRO D 44 37.08 -6.71 -9.10
C PRO D 44 35.82 -6.15 -8.37
N TYR D 45 34.91 -7.02 -7.94
CA TYR D 45 33.71 -6.57 -7.19
C TYR D 45 33.57 -7.29 -5.85
N PRO D 46 34.54 -7.04 -4.96
CA PRO D 46 34.57 -7.66 -3.65
C PRO D 46 33.42 -7.04 -2.84
N CYS D 47 32.87 -7.79 -1.90
CA CYS D 47 31.72 -7.30 -1.20
C CYS D 47 32.09 -6.03 -0.43
N GLY D 48 31.11 -5.16 -0.23
CA GLY D 48 31.26 -4.07 0.71
C GLY D 48 32.08 -2.92 0.16
N LYS D 49 32.45 -3.00 -1.11
CA LYS D 49 33.22 -1.93 -1.75
C LYS D 49 32.35 -1.21 -2.76
N GLN D 50 32.27 0.10 -2.63
CA GLN D 50 31.55 0.92 -3.58
C GLN D 50 32.24 0.79 -4.96
N THR D 51 31.46 0.82 -6.02
CA THR D 51 31.97 0.61 -7.38
C THR D 51 32.29 1.98 -7.94
N LEU D 52 33.38 2.53 -7.44
CA LEU D 52 33.77 3.91 -7.74
C LEU D 52 34.61 3.97 -9.00
O30 LZI E . 2.41 -4.61 13.96
C7 LZI E . 3.42 -4.73 14.69
C28 LZI E . 3.56 -5.68 15.76
C36 LZI E . 4.69 -5.73 16.52
C35 LZI E . 5.78 -4.84 16.25
C24 LZI E . 5.67 -3.92 15.26
N2 LZI E . 4.52 -3.84 14.45
C8 LZI E . 4.40 -2.86 13.39
C11 LZI E . 4.09 -1.57 13.78
C19 LZI E . 3.94 -0.62 12.79
F39 LZI E . 3.66 0.66 13.17
C31 LZI E . 4.56 -3.22 12.05
C34 LZI E . 4.44 -2.23 11.06
C18 LZI E . 4.12 -0.93 11.45
N15 LZI E . 3.96 0.09 10.44
C12 LZI E . 3.15 -0.24 9.31
O33 LZI E . 2.56 -1.32 9.31
C16 LZI E . 2.98 0.71 8.17
N1 LZI E . 4.04 1.73 8.02
C5 LZI E . 3.69 3.09 7.56
C10 LZI E . 2.89 3.00 6.30
N23 LZI E . 1.89 3.92 6.12
O32 LZI E . 3.12 2.11 5.48
C21 LZI E . 5.26 1.38 7.71
C17 LZI E . 5.97 2.52 7.01
C20 LZI E . 5.01 3.66 7.18
N13 LZI E . 7.23 2.87 7.65
C6 LZI E . 8.24 1.97 7.56
O29 LZI E . 8.05 0.91 6.95
C3 LZI E . 9.49 2.31 8.18
C14 LZI E . 9.81 3.44 8.86
C22 LZI E . 11.14 3.41 9.32
C9 LZI E . 11.70 2.20 8.99
S4 LZI E . 10.74 1.13 8.09
CL3 LZI E . 13.27 1.62 9.45
C37 LZI E . 1.07 4.03 4.94
C25 LZI E . -0.13 4.96 5.15
C27 LZI E . -0.45 5.97 4.10
C26 LZI E . 0.12 6.42 5.42
NA NA F . 11.80 10.20 14.89
O30 LZI G . -11.07 8.39 -22.61
C7 LZI G . -10.46 7.78 -21.69
C28 LZI G . -9.14 8.07 -21.21
C36 LZI G . -8.59 7.33 -20.22
C35 LZI G . -9.32 6.26 -19.62
C24 LZI G . -10.57 5.95 -20.04
N2 LZI G . -11.16 6.70 -21.07
C8 LZI G . -12.49 6.43 -21.55
C11 LZI G . -13.50 7.21 -21.05
C19 LZI G . -14.76 6.95 -21.53
F39 LZI G . -15.76 7.71 -21.02
C31 LZI G . -12.69 5.42 -22.51
C34 LZI G . -13.97 5.17 -23.01
C18 LZI G . -15.02 5.96 -22.49
N15 LZI G . -16.37 5.74 -22.95
C12 LZI G . -17.10 6.79 -23.52
O33 LZI G . -16.73 7.98 -23.38
C16 LZI G . -18.31 6.42 -24.31
N1 LZI G . -19.26 5.48 -23.67
C5 LZI G . -20.34 4.90 -24.49
C10 LZI G . -21.21 5.99 -25.04
N23 LZI G . -21.47 5.99 -26.40
O32 LZI G . -21.70 6.83 -24.28
C21 LZI G . -19.50 5.40 -22.37
C17 LZI G . -20.80 4.65 -22.11
C20 LZI G . -21.14 4.14 -23.48
N13 LZI G . -20.67 3.52 -21.16
C6 LZI G . -20.45 3.81 -19.84
O29 LZI G . -20.39 4.99 -19.48
C3 LZI G . -20.29 2.73 -18.89
C14 LZI G . -20.32 1.38 -19.11
C22 LZI G . -20.03 0.67 -17.91
C9 LZI G . -19.77 1.53 -16.87
S4 LZI G . -19.99 3.19 -17.23
CL3 LZI G . -19.18 1.18 -15.28
C37 LZI G . -22.31 7.03 -27.03
C25 LZI G . -22.45 6.76 -28.53
C27 LZI G . -23.47 7.56 -29.30
C26 LZI G . -23.71 6.11 -29.02
NA NA H . -18.31 -7.18 -20.77
#